data_4DXC
#
_entry.id   4DXC
#
_cell.length_a   124.450
_cell.length_b   47.844
_cell.length_c   108.288
_cell.angle_alpha   90.00
_cell.angle_beta   114.14
_cell.angle_gamma   90.00
#
_symmetry.space_group_name_H-M   'C 1 2 1'
#
loop_
_entity.id
_entity.type
_entity.pdbx_description
1 polymer 'Maltose-binding periplasmic protein, Beta-lactamase TEM chimera'
2 non-polymer 'ZINC ION'
3 water water
#
_entity_poly.entity_id   1
_entity_poly.type   'polypeptide(L)'
_entity_poly.pdbx_seq_one_letter_code
;KIEEGKLVIWINGDKGYNGLAEVGKKFEKDTGIKVTVEHPDKLEEKFPQVAATGDGPDIIFWAHDRFGGYAQSGLLAEIT
PDKAFQDKLYPFTWDAVRYNGKLIAYPIAVEALSLIYNKDLLPNPPKTWEEIPALDKELKAKGKSALMFNLQEPYFTWPL
IAADGGYAFKYENGKYDIKDVGVDNAGAKAGLTFLVDLIKNKHMNADTDYSIAEAAFNKGETAMTINGPWAWSNIDTSKV
NYGVTVLPTFKGQPSKPFVGVLSAGINAASPNKELAKEFLENYLLTDEGLEAVNKDKPLGAVALKSYEEELAKDPRWFIA
DKSGAGERGSRGIIAALGPDGKPSRIVVIYTTGSQATMDERNRQIAEIGASLIKHWGSGGGHPETLVKVKDAEDQLGARV
GYIELDLNSGKILESFRPEERFPMMSTFKVLLCGAVLSRIDAGQEQLGRRIHYSQNDLVEYSPVTEKHLTDGMTVRELCS
AAITMSDNTAANLLLTTIGGPKELTAFLHNMGDHVTRLDRWEPELNEAIPNDERDTTMPVAMATTLRKLLTGELLTLASR
QQLIDWMEADKVAGPLLRSALPAGSATMENAQKGEIMPNIPQMSAFWYAVRTAVINAASGRQTVDEALKDAQTRITK
;
_entity_poly.pdbx_strand_id   A
#
# COMPACT_ATOMS: atom_id res chain seq x y z
N LYS A 1 40.59 -13.50 4.35
CA LYS A 1 39.51 -13.31 5.35
C LYS A 1 38.29 -14.20 5.06
N ILE A 2 37.68 -13.99 3.90
CA ILE A 2 36.51 -14.77 3.48
C ILE A 2 36.93 -15.94 2.60
N GLU A 3 36.48 -17.13 2.97
CA GLU A 3 36.80 -18.37 2.25
C GLU A 3 36.53 -18.25 0.75
N GLU A 4 37.59 -18.47 -0.04
CA GLU A 4 37.49 -18.48 -1.49
C GLU A 4 37.07 -19.87 -1.96
N GLY A 5 35.90 -19.95 -2.61
CA GLY A 5 35.42 -21.20 -3.19
C GLY A 5 34.14 -21.77 -2.59
N LYS A 6 33.63 -21.16 -1.53
CA LYS A 6 32.37 -21.62 -0.91
C LYS A 6 31.52 -20.49 -0.33
N LEU A 7 30.22 -20.75 -0.16
CA LEU A 7 29.27 -19.75 0.30
C LEU A 7 28.89 -19.90 1.78
N VAL A 8 29.01 -18.80 2.53
CA VAL A 8 28.60 -18.74 3.93
C VAL A 8 27.39 -17.82 4.07
N ILE A 9 26.34 -18.33 4.72
CA ILE A 9 25.07 -17.60 4.85
C ILE A 9 24.76 -17.23 6.30
N TRP A 10 24.36 -15.97 6.51
CA TRP A 10 23.88 -15.51 7.81
C TRP A 10 22.39 -15.17 7.75
N ILE A 11 21.60 -15.97 8.46
CA ILE A 11 20.16 -15.75 8.58
C ILE A 11 19.75 -15.87 10.06
N ASN A 12 18.72 -15.13 10.46
CA ASN A 12 18.26 -15.12 11.86
C ASN A 12 17.66 -16.45 12.32
N GLY A 13 17.70 -16.68 13.62
CA GLY A 13 17.19 -17.92 14.22
C GLY A 13 15.70 -18.15 14.06
N ASP A 14 14.94 -17.05 14.01
CA ASP A 14 13.49 -17.14 13.89
C ASP A 14 13.04 -17.55 12.48
N LYS A 15 13.93 -17.34 11.50
CA LYS A 15 13.66 -17.68 10.11
C LYS A 15 13.98 -19.14 9.81
N GLY A 16 13.50 -19.63 8.68
CA GLY A 16 13.69 -21.02 8.29
C GLY A 16 15.10 -21.34 7.81
N TYR A 17 16.04 -21.41 8.74
CA TYR A 17 17.44 -21.71 8.43
C TYR A 17 17.65 -23.14 7.95
N ASN A 18 16.85 -24.07 8.49
CA ASN A 18 16.89 -25.47 8.07
C ASN A 18 16.31 -25.68 6.68
N GLY A 19 15.34 -24.86 6.31
CA GLY A 19 14.74 -24.90 4.98
C GLY A 19 15.67 -24.34 3.92
N LEU A 20 16.40 -23.29 4.29
CA LEU A 20 17.41 -22.68 3.42
C LEU A 20 18.60 -23.61 3.26
N ALA A 21 18.84 -24.43 4.27
CA ALA A 21 19.89 -25.45 4.24
C ALA A 21 19.60 -26.53 3.19
N GLU A 22 18.31 -26.87 3.03
CA GLU A 22 17.89 -27.86 2.03
C GLU A 22 18.11 -27.34 0.61
N VAL A 23 17.97 -26.03 0.44
CA VAL A 23 18.28 -25.36 -0.82
C VAL A 23 19.80 -25.30 -0.99
N GLY A 24 20.51 -25.26 0.13
CA GLY A 24 21.97 -25.32 0.15
C GLY A 24 22.50 -26.67 -0.30
N LYS A 25 21.75 -27.73 -0.01
CA LYS A 25 22.09 -29.08 -0.48
C LYS A 25 21.67 -29.31 -1.92
N LYS A 26 20.65 -28.58 -2.38
CA LYS A 26 20.20 -28.61 -3.77
C LYS A 26 21.23 -27.93 -4.68
N PHE A 27 21.94 -26.95 -4.14
CA PHE A 27 23.02 -26.26 -4.84
C PHE A 27 24.33 -27.06 -4.74
N GLU A 28 24.55 -27.69 -3.59
CA GLU A 28 25.75 -28.50 -3.32
C GLU A 28 25.84 -29.71 -4.24
N LYS A 29 24.69 -30.33 -4.51
CA LYS A 29 24.60 -31.49 -5.38
C LYS A 29 24.95 -31.14 -6.83
N ASP A 30 24.50 -29.96 -7.26
CA ASP A 30 24.63 -29.54 -8.65
C ASP A 30 25.97 -28.90 -9.00
N THR A 31 26.61 -28.27 -8.01
CA THR A 31 27.87 -27.55 -8.23
C THR A 31 29.08 -28.20 -7.54
N GLY A 32 28.88 -28.66 -6.31
CA GLY A 32 29.96 -29.22 -5.51
C GLY A 32 30.60 -28.19 -4.61
N ILE A 33 29.77 -27.40 -3.94
CA ILE A 33 30.22 -26.30 -3.09
C ILE A 33 29.55 -26.37 -1.72
N LYS A 34 30.37 -26.38 -0.66
CA LYS A 34 29.90 -26.47 0.72
C LYS A 34 29.15 -25.20 1.13
N VAL A 35 27.83 -25.29 1.21
CA VAL A 35 26.99 -24.17 1.63
C VAL A 35 26.78 -24.23 3.14
N THR A 36 27.29 -23.23 3.84
CA THR A 36 27.17 -23.15 5.29
C THR A 36 26.09 -22.14 5.68
N VAL A 37 25.18 -22.58 6.55
CA VAL A 37 24.14 -21.71 7.09
C VAL A 37 24.38 -21.51 8.58
N GLU A 38 24.64 -20.25 8.97
CA GLU A 38 24.95 -19.91 10.35
C GLU A 38 23.97 -18.88 10.90
N HIS A 39 23.55 -19.08 12.15
CA HIS A 39 22.67 -18.14 12.84
C HIS A 39 23.28 -17.62 14.14
N PRO A 40 24.17 -16.61 14.05
CA PRO A 40 24.80 -16.04 15.23
C PRO A 40 23.94 -14.98 15.91
N ASP A 41 24.25 -14.70 17.18
CA ASP A 41 23.55 -13.69 17.96
C ASP A 41 23.87 -12.28 17.44
N LYS A 42 22.83 -11.44 17.35
CA LYS A 42 22.94 -10.07 16.86
C LYS A 42 23.69 -9.94 15.52
N LEU A 43 23.26 -10.71 14.53
CA LEU A 43 23.92 -10.74 13.22
C LEU A 43 23.77 -9.43 12.41
N GLU A 44 22.71 -8.67 12.67
CA GLU A 44 22.50 -7.39 12.02
C GLU A 44 23.40 -6.29 12.60
N GLU A 45 23.91 -6.54 13.80
CA GLU A 45 24.83 -5.62 14.47
C GLU A 45 26.28 -6.08 14.31
N LYS A 46 26.47 -7.38 14.09
CA LYS A 46 27.80 -7.95 13.88
C LYS A 46 28.32 -7.67 12.47
N PHE A 47 27.40 -7.58 11.50
CA PHE A 47 27.75 -7.36 10.09
C PHE A 47 28.46 -6.02 9.80
N PRO A 48 28.04 -4.91 10.46
CA PRO A 48 28.82 -3.68 10.31
C PRO A 48 30.25 -3.80 10.84
N GLN A 49 30.43 -4.68 11.82
CA GLN A 49 31.73 -4.88 12.45
C GLN A 49 32.66 -5.75 11.60
N VAL A 50 32.15 -6.87 11.08
CA VAL A 50 32.96 -7.82 10.32
C VAL A 50 33.26 -7.37 8.88
N ALA A 51 32.26 -6.80 8.20
CA ALA A 51 32.39 -6.43 6.79
C ALA A 51 33.30 -5.23 6.57
N ALA A 52 33.43 -4.38 7.60
CA ALA A 52 34.31 -3.21 7.55
C ALA A 52 35.79 -3.61 7.54
N THR A 53 36.10 -4.78 8.08
CA THR A 53 37.47 -5.30 8.14
C THR A 53 37.79 -6.24 6.97
N GLY A 54 36.95 -6.19 5.93
CA GLY A 54 37.11 -7.03 4.75
C GLY A 54 36.73 -8.49 4.98
N ASP A 55 35.85 -8.72 5.95
CA ASP A 55 35.45 -10.07 6.34
C ASP A 55 33.92 -10.23 6.33
N GLY A 56 33.42 -11.28 6.98
CA GLY A 56 31.99 -11.55 7.08
C GLY A 56 31.48 -12.60 6.12
N PRO A 57 30.16 -12.91 6.18
CA PRO A 57 29.54 -13.91 5.33
C PRO A 57 29.41 -13.43 3.89
N ASP A 58 29.11 -14.34 2.97
CA ASP A 58 28.88 -13.97 1.58
C ASP A 58 27.50 -13.33 1.41
N ILE A 59 26.49 -13.99 1.97
CA ILE A 59 25.11 -13.53 1.87
C ILE A 59 24.52 -13.29 3.25
N ILE A 60 23.97 -12.10 3.45
CA ILE A 60 23.27 -11.75 4.70
C ILE A 60 21.76 -11.64 4.46
N PHE A 61 20.99 -12.28 5.34
CA PHE A 61 19.53 -12.16 5.31
C PHE A 61 19.05 -11.26 6.44
N TRP A 62 18.33 -10.20 6.07
CA TRP A 62 17.69 -9.30 7.02
C TRP A 62 16.65 -8.43 6.31
N ALA A 63 15.81 -7.76 7.09
CA ALA A 63 14.86 -6.78 6.56
C ALA A 63 15.61 -5.61 5.93
N HIS A 64 15.07 -5.10 4.82
CA HIS A 64 15.72 -4.08 3.99
C HIS A 64 16.11 -2.78 4.72
N ASP A 65 15.51 -2.54 5.88
CA ASP A 65 15.69 -1.28 6.61
C ASP A 65 17.12 -1.05 7.09
N ARG A 66 17.76 -2.10 7.60
CA ARG A 66 19.16 -2.02 8.06
C ARG A 66 20.14 -2.03 6.91
N PHE A 67 19.69 -2.52 5.75
CA PHE A 67 20.51 -2.65 4.54
C PHE A 67 20.90 -1.30 3.95
N GLY A 68 20.12 -0.27 4.25
CA GLY A 68 20.47 1.11 3.85
C GLY A 68 21.69 1.59 4.60
N GLY A 69 21.81 1.17 5.86
CA GLY A 69 22.97 1.50 6.70
C GLY A 69 24.25 0.77 6.30
N TYR A 70 24.13 -0.24 5.45
CA TYR A 70 25.28 -0.96 4.91
C TYR A 70 25.74 -0.36 3.59
N ALA A 71 24.77 0.07 2.78
CA ALA A 71 25.04 0.68 1.47
C ALA A 71 25.74 2.03 1.61
N GLN A 72 25.47 2.72 2.72
CA GLN A 72 26.10 4.00 3.03
C GLN A 72 27.60 3.84 3.30
N SER A 73 27.94 2.85 4.13
CA SER A 73 29.33 2.57 4.49
C SER A 73 30.11 1.91 3.35
N GLY A 74 29.44 1.00 2.64
CA GLY A 74 30.05 0.28 1.51
C GLY A 74 30.29 -1.18 1.81
N LEU A 75 29.36 -1.80 2.52
CA LEU A 75 29.49 -3.19 2.95
C LEU A 75 28.72 -4.16 2.05
N LEU A 76 27.84 -3.61 1.22
CA LEU A 76 27.05 -4.41 0.29
C LEU A 76 27.43 -4.17 -1.17
N ALA A 77 27.34 -5.23 -1.97
CA ALA A 77 27.69 -5.18 -3.38
C ALA A 77 26.49 -4.81 -4.25
N GLU A 78 26.77 -4.30 -5.44
CA GLU A 78 25.73 -4.00 -6.43
C GLU A 78 25.16 -5.29 -7.00
N ILE A 79 23.84 -5.29 -7.20
CA ILE A 79 23.12 -6.44 -7.73
C ILE A 79 22.70 -6.17 -9.18
N THR A 80 23.08 -7.08 -10.07
CA THR A 80 22.74 -6.96 -11.50
C THR A 80 21.94 -8.15 -12.02
N PRO A 81 20.61 -8.14 -11.82
CA PRO A 81 19.75 -9.15 -12.43
C PRO A 81 19.06 -8.62 -13.69
N ASP A 82 18.87 -9.50 -14.66
CA ASP A 82 18.20 -9.15 -15.92
C ASP A 82 16.71 -8.95 -15.69
N LYS A 83 16.06 -8.24 -16.63
CA LYS A 83 14.60 -8.06 -16.59
C LYS A 83 13.85 -9.39 -16.72
N ALA A 84 14.48 -10.37 -17.38
CA ALA A 84 13.96 -11.73 -17.47
C ALA A 84 13.84 -12.38 -16.09
N PHE A 85 14.52 -11.80 -15.10
CA PHE A 85 14.42 -12.23 -13.71
C PHE A 85 13.72 -11.17 -12.85
N GLN A 86 13.98 -9.89 -13.15
CA GLN A 86 13.42 -8.77 -12.40
C GLN A 86 11.89 -8.67 -12.55
N ASP A 87 11.36 -9.25 -13.61
CA ASP A 87 9.91 -9.31 -13.83
C ASP A 87 9.23 -10.34 -12.94
N LYS A 88 9.97 -11.37 -12.56
CA LYS A 88 9.43 -12.46 -11.73
C LYS A 88 9.13 -12.02 -10.29
N LEU A 89 9.68 -10.88 -9.89
CA LEU A 89 9.41 -10.30 -8.58
C LEU A 89 8.53 -9.05 -8.71
N TYR A 90 7.88 -8.69 -7.60
CA TYR A 90 6.98 -7.53 -7.55
C TYR A 90 7.76 -6.21 -7.69
N PRO A 91 7.18 -5.24 -8.41
CA PRO A 91 7.85 -3.96 -8.69
C PRO A 91 8.15 -3.10 -7.46
N PHE A 92 7.40 -3.31 -6.37
CA PHE A 92 7.60 -2.51 -5.16
C PHE A 92 8.70 -3.06 -4.26
N THR A 93 8.93 -4.38 -4.33
CA THR A 93 9.96 -5.04 -3.52
C THR A 93 11.37 -4.57 -3.89
N TRP A 94 11.58 -4.29 -5.17
CA TRP A 94 12.85 -3.76 -5.65
C TRP A 94 13.08 -2.33 -5.17
N ASP A 95 12.02 -1.53 -5.11
CA ASP A 95 12.09 -0.13 -4.65
C ASP A 95 12.41 -0.02 -3.15
N ALA A 96 12.33 -1.16 -2.44
CA ALA A 96 12.71 -1.23 -1.05
C ALA A 96 14.21 -1.52 -0.87
N VAL A 97 14.80 -2.13 -1.89
CA VAL A 97 16.23 -2.46 -1.87
C VAL A 97 17.04 -1.60 -2.86
N ARG A 98 16.62 -0.35 -3.04
CA ARG A 98 17.31 0.60 -3.91
C ARG A 98 17.98 1.71 -3.11
N TYR A 99 19.26 1.93 -3.37
CA TYR A 99 19.98 3.07 -2.82
C TYR A 99 20.72 3.82 -3.92
N ASN A 100 20.16 4.98 -4.30
CA ASN A 100 20.69 5.83 -5.39
C ASN A 100 20.75 5.13 -6.75
N GLY A 101 19.60 4.61 -7.18
CA GLY A 101 19.48 3.91 -8.47
C GLY A 101 20.07 2.50 -8.45
N LYS A 102 20.95 2.25 -7.48
CA LYS A 102 21.65 0.98 -7.34
C LYS A 102 20.73 -0.09 -6.74
N LEU A 103 21.09 -1.35 -6.95
CA LEU A 103 20.42 -2.46 -6.27
C LEU A 103 21.40 -3.12 -5.30
N ILE A 104 21.00 -3.21 -4.03
CA ILE A 104 21.90 -3.70 -2.98
C ILE A 104 21.56 -5.08 -2.43
N ALA A 105 20.38 -5.60 -2.79
CA ALA A 105 19.92 -6.91 -2.29
C ALA A 105 18.84 -7.55 -3.14
N TYR A 106 18.71 -8.88 -3.03
CA TYR A 106 17.61 -9.62 -3.62
C TYR A 106 16.47 -9.73 -2.60
N PRO A 107 15.26 -9.23 -2.96
CA PRO A 107 14.10 -9.38 -2.08
C PRO A 107 13.64 -10.83 -2.03
N ILE A 108 13.33 -11.32 -0.84
CA ILE A 108 12.93 -12.71 -0.65
C ILE A 108 11.49 -12.82 -0.18
N ALA A 109 11.18 -12.14 0.93
CA ALA A 109 9.84 -12.20 1.52
C ALA A 109 9.38 -10.84 2.00
N VAL A 110 8.06 -10.66 2.08
CA VAL A 110 7.48 -9.42 2.57
C VAL A 110 6.78 -9.60 3.91
N GLU A 111 7.14 -8.74 4.86
CA GLU A 111 6.61 -8.78 6.21
C GLU A 111 5.73 -7.56 6.48
N ALA A 112 4.49 -7.83 6.90
CA ALA A 112 3.56 -6.79 7.29
C ALA A 112 2.60 -7.38 8.30
N LEU A 113 2.19 -6.58 9.27
CA LEU A 113 1.18 -6.98 10.25
C LEU A 113 -0.15 -7.18 9.56
N SER A 114 -0.95 -8.10 10.10
CA SER A 114 -2.31 -8.31 9.62
C SER A 114 -3.25 -8.45 10.82
N LEU A 115 -4.55 -8.39 10.55
CA LEU A 115 -5.55 -8.67 11.56
C LEU A 115 -5.80 -10.17 11.63
N ILE A 116 -5.57 -10.74 12.81
CA ILE A 116 -5.82 -12.15 13.06
C ILE A 116 -7.03 -12.25 14.00
N TYR A 117 -7.99 -13.08 13.62
CA TYR A 117 -9.22 -13.23 14.38
C TYR A 117 -9.61 -14.68 14.58
N ASN A 118 -10.16 -14.96 15.76
CA ASN A 118 -10.69 -16.28 16.09
C ASN A 118 -12.07 -16.44 15.44
N LYS A 119 -12.17 -17.39 14.52
CA LYS A 119 -13.42 -17.62 13.78
C LYS A 119 -14.55 -18.14 14.67
N ASP A 120 -14.18 -18.84 15.75
CA ASP A 120 -15.16 -19.39 16.68
C ASP A 120 -15.79 -18.31 17.57
N LEU A 121 -14.97 -17.35 17.99
CA LEU A 121 -15.44 -16.23 18.79
C LEU A 121 -16.04 -15.11 17.94
N LEU A 122 -15.50 -14.95 16.73
CA LEU A 122 -15.87 -13.84 15.85
C LEU A 122 -15.77 -14.24 14.37
N PRO A 123 -16.87 -14.78 13.81
CA PRO A 123 -16.87 -15.19 12.39
C PRO A 123 -16.77 -14.03 11.39
N ASN A 124 -17.25 -12.85 11.80
CA ASN A 124 -17.21 -11.67 10.93
C ASN A 124 -16.48 -10.50 11.59
N PRO A 125 -15.16 -10.38 11.32
CA PRO A 125 -14.32 -9.34 11.92
C PRO A 125 -14.72 -7.93 11.51
N PRO A 126 -14.56 -6.94 12.44
CA PRO A 126 -14.85 -5.53 12.16
C PRO A 126 -14.04 -4.97 11.02
N LYS A 127 -14.66 -4.11 10.21
CA LYS A 127 -14.00 -3.44 9.09
C LYS A 127 -13.33 -2.15 9.52
N THR A 128 -13.76 -1.60 10.66
CA THR A 128 -13.25 -0.32 11.16
C THR A 128 -12.74 -0.44 12.59
N TRP A 129 -11.82 0.44 12.98
CA TRP A 129 -11.35 0.53 14.36
C TRP A 129 -12.44 1.06 15.28
N GLU A 130 -13.32 1.90 14.73
CA GLU A 130 -14.37 2.58 15.51
C GLU A 130 -15.41 1.66 16.16
N GLU A 131 -15.63 0.49 15.57
CA GLU A 131 -16.63 -0.45 16.10
C GLU A 131 -16.07 -1.43 17.14
N ILE A 132 -14.77 -1.36 17.38
CA ILE A 132 -14.10 -2.26 18.34
C ILE A 132 -14.49 -2.04 19.82
N PRO A 133 -14.66 -0.76 20.26
CA PRO A 133 -15.08 -0.54 21.65
C PRO A 133 -16.41 -1.21 22.01
N ALA A 134 -17.41 -1.05 21.13
CA ALA A 134 -18.73 -1.67 21.34
C ALA A 134 -18.70 -3.19 21.20
N LEU A 135 -17.77 -3.71 20.39
CA LEU A 135 -17.59 -5.16 20.24
C LEU A 135 -16.92 -5.74 21.48
N ASP A 136 -15.99 -4.98 22.07
CA ASP A 136 -15.34 -5.38 23.31
C ASP A 136 -16.35 -5.48 24.46
N LYS A 137 -17.33 -4.57 24.46
CA LYS A 137 -18.39 -4.58 25.46
C LYS A 137 -19.28 -5.81 25.31
N GLU A 138 -19.53 -6.23 24.07
CA GLU A 138 -20.24 -7.48 23.77
C GLU A 138 -19.51 -8.71 24.30
N LEU A 139 -18.21 -8.76 24.04
CA LEU A 139 -17.40 -9.93 24.36
C LEU A 139 -17.00 -10.05 25.83
N LYS A 140 -16.86 -8.92 26.52
CA LYS A 140 -16.61 -8.90 27.97
C LYS A 140 -17.73 -9.60 28.75
N ALA A 141 -18.96 -9.47 28.25
CA ALA A 141 -20.13 -10.13 28.84
C ALA A 141 -20.00 -11.65 28.85
N LYS A 142 -19.22 -12.18 27.91
CA LYS A 142 -18.97 -13.62 27.82
C LYS A 142 -17.58 -14.00 28.36
N GLY A 143 -17.00 -13.10 29.15
CA GLY A 143 -15.67 -13.33 29.75
C GLY A 143 -14.49 -13.28 28.79
N LYS A 144 -14.72 -12.73 27.60
CA LYS A 144 -13.67 -12.60 26.57
C LYS A 144 -13.41 -11.13 26.26
N SER A 145 -12.39 -10.87 25.45
CA SER A 145 -12.10 -9.52 24.99
C SER A 145 -12.07 -9.46 23.47
N ALA A 146 -12.18 -8.26 22.91
CA ALA A 146 -12.21 -8.07 21.47
C ALA A 146 -10.83 -8.19 20.83
N LEU A 147 -9.86 -7.48 21.39
CA LEU A 147 -8.56 -7.32 20.75
C LEU A 147 -7.42 -7.16 21.74
N MET A 148 -6.35 -7.94 21.53
CA MET A 148 -5.14 -7.81 22.32
C MET A 148 -3.90 -7.86 21.44
N PHE A 149 -3.09 -6.80 21.50
CA PHE A 149 -1.81 -6.76 20.78
C PHE A 149 -0.73 -5.99 21.54
N ASN A 150 0.53 -6.24 21.17
CA ASN A 150 1.68 -5.59 21.78
C ASN A 150 1.60 -4.06 21.69
N LEU A 151 1.23 -3.43 22.80
CA LEU A 151 1.10 -1.98 22.86
C LEU A 151 2.41 -1.27 23.20
N GLN A 152 3.41 -2.06 23.60
CA GLN A 152 4.70 -1.54 24.07
C GLN A 152 5.60 -1.02 22.95
N GLU A 153 5.52 -1.65 21.79
CA GLU A 153 6.42 -1.34 20.67
C GLU A 153 5.75 -0.54 19.58
N PRO A 154 6.43 0.51 19.08
CA PRO A 154 5.92 1.40 18.03
C PRO A 154 5.47 0.62 16.79
N TYR A 155 6.21 -0.42 16.42
CA TYR A 155 5.93 -1.23 15.23
C TYR A 155 4.50 -1.78 15.19
N PHE A 156 4.02 -2.31 16.33
CA PHE A 156 2.70 -2.90 16.43
C PHE A 156 1.58 -1.86 16.54
N THR A 157 1.96 -0.68 17.00
CA THR A 157 1.05 0.41 17.30
C THR A 157 0.96 1.40 16.13
N TRP A 158 1.99 1.41 15.29
CA TRP A 158 2.08 2.32 14.15
C TRP A 158 0.93 2.23 13.12
N PRO A 159 0.47 1.01 12.75
CA PRO A 159 -0.62 0.92 11.77
C PRO A 159 -1.79 1.84 12.08
N LEU A 160 -2.18 1.93 13.35
CA LEU A 160 -3.25 2.79 13.80
C LEU A 160 -2.86 4.27 13.84
N ILE A 161 -1.66 4.56 14.32
CA ILE A 161 -1.17 5.94 14.43
C ILE A 161 -1.02 6.60 13.05
N ALA A 162 -0.51 5.83 12.09
CA ALA A 162 -0.19 6.35 10.75
C ALA A 162 -1.38 6.39 9.80
N ALA A 163 -2.45 5.68 10.14
CA ALA A 163 -3.63 5.51 9.27
C ALA A 163 -4.20 6.84 8.74
N ASP A 164 -4.38 7.81 9.64
CA ASP A 164 -5.01 9.09 9.28
C ASP A 164 -4.03 10.17 8.82
N GLY A 165 -2.80 9.76 8.48
CA GLY A 165 -1.82 10.70 7.91
C GLY A 165 -0.46 10.73 8.58
N GLY A 166 -0.15 9.73 9.39
CA GLY A 166 1.16 9.62 10.02
C GLY A 166 2.18 9.02 9.07
N TYR A 167 3.43 9.49 9.19
CA TYR A 167 4.56 8.90 8.48
C TYR A 167 5.85 9.09 9.26
N ALA A 168 6.81 8.18 9.03
CA ALA A 168 8.11 8.25 9.68
C ALA A 168 8.96 9.33 9.02
N PHE A 169 9.40 9.06 7.79
CA PHE A 169 10.17 10.04 7.02
C PHE A 169 9.58 10.20 5.62
N LYS A 170 9.58 11.44 5.13
CA LYS A 170 9.07 11.75 3.79
C LYS A 170 9.95 11.13 2.70
N TYR A 171 9.30 10.46 1.76
CA TYR A 171 9.97 9.94 0.57
C TYR A 171 9.55 10.75 -0.65
N GLU A 172 10.51 11.47 -1.22
CA GLU A 172 10.31 12.19 -2.48
C GLU A 172 11.46 11.90 -3.43
N ASN A 173 11.17 11.92 -4.73
CA ASN A 173 12.10 11.53 -5.81
C ASN A 173 12.71 10.12 -5.71
N GLY A 174 13.26 9.82 -4.54
CA GLY A 174 13.97 8.56 -4.26
C GLY A 174 14.63 8.63 -2.90
N LYS A 175 15.07 9.83 -2.54
CA LYS A 175 15.76 10.09 -1.27
C LYS A 175 14.76 10.37 -0.14
N TYR A 176 15.04 9.80 1.04
CA TYR A 176 14.30 10.12 2.25
C TYR A 176 14.81 11.40 2.89
N ASP A 177 13.93 12.40 3.00
CA ASP A 177 14.23 13.65 3.67
C ASP A 177 14.24 13.39 5.18
N ILE A 178 15.39 13.62 5.80
CA ILE A 178 15.55 13.35 7.24
C ILE A 178 14.96 14.46 8.12
N LYS A 179 14.56 15.56 7.50
CA LYS A 179 13.99 16.69 8.22
C LYS A 179 12.46 16.71 8.23
N ASP A 180 11.84 15.96 7.31
CA ASP A 180 10.39 15.88 7.25
C ASP A 180 9.84 14.62 7.92
N VAL A 181 9.38 14.80 9.15
CA VAL A 181 8.83 13.73 9.97
C VAL A 181 7.34 14.01 10.23
N GLY A 182 6.53 12.97 10.13
CA GLY A 182 5.09 13.10 10.31
C GLY A 182 4.54 12.30 11.47
N VAL A 183 5.21 12.42 12.62
CA VAL A 183 4.74 11.80 13.86
C VAL A 183 4.03 12.84 14.72
N ASP A 184 4.04 14.08 14.25
CA ASP A 184 3.49 15.23 14.96
C ASP A 184 2.16 15.71 14.39
N ASN A 185 1.83 15.24 13.19
CA ASN A 185 0.65 15.72 12.47
C ASN A 185 -0.69 15.34 13.11
N ALA A 186 -1.75 15.98 12.63
CA ALA A 186 -3.11 15.77 13.14
C ALA A 186 -3.54 14.30 13.05
N GLY A 187 -3.12 13.64 11.96
CA GLY A 187 -3.42 12.22 11.76
C GLY A 187 -2.81 11.31 12.80
N ALA A 188 -1.54 11.54 13.12
CA ALA A 188 -0.84 10.77 14.13
C ALA A 188 -1.48 10.96 15.51
N LYS A 189 -1.87 12.20 15.81
CA LYS A 189 -2.49 12.53 17.10
C LYS A 189 -3.87 11.89 17.28
N ALA A 190 -4.68 11.92 16.24
CA ALA A 190 -5.97 11.25 16.25
C ALA A 190 -5.79 9.74 16.46
N GLY A 191 -4.82 9.17 15.75
CA GLY A 191 -4.50 7.75 15.87
C GLY A 191 -4.10 7.35 17.27
N LEU A 192 -3.20 8.12 17.89
CA LEU A 192 -2.74 7.84 19.24
C LEU A 192 -3.83 8.10 20.27
N THR A 193 -4.63 9.13 20.03
CA THR A 193 -5.78 9.44 20.90
C THR A 193 -6.75 8.26 20.99
N PHE A 194 -7.09 7.70 19.83
CA PHE A 194 -8.00 6.55 19.79
C PHE A 194 -7.44 5.38 20.63
N LEU A 195 -6.15 5.08 20.46
CA LEU A 195 -5.51 4.03 21.23
C LEU A 195 -5.59 4.29 22.74
N VAL A 196 -5.20 5.50 23.13
CA VAL A 196 -5.23 5.94 24.54
C VAL A 196 -6.65 5.82 25.12
N ASP A 197 -7.64 6.20 24.33
CA ASP A 197 -9.05 6.09 24.74
C ASP A 197 -9.50 4.64 24.93
N LEU A 198 -8.97 3.75 24.10
CA LEU A 198 -9.21 2.30 24.26
C LEU A 198 -8.63 1.82 25.58
N ILE A 199 -7.47 2.36 25.95
CA ILE A 199 -6.82 2.05 27.22
C ILE A 199 -7.61 2.66 28.39
N LYS A 200 -7.96 3.95 28.26
CA LYS A 200 -8.75 4.65 29.28
C LYS A 200 -10.12 4.00 29.53
N ASN A 201 -10.79 3.57 28.47
CA ASN A 201 -12.09 2.90 28.60
C ASN A 201 -11.98 1.40 28.91
N LYS A 202 -10.76 0.96 29.21
CA LYS A 202 -10.46 -0.41 29.66
C LYS A 202 -10.79 -1.52 28.64
N HIS A 203 -10.78 -1.15 27.36
CA HIS A 203 -10.87 -2.14 26.29
C HIS A 203 -9.51 -2.79 26.06
N MET A 204 -8.44 -2.07 26.43
CA MET A 204 -7.07 -2.58 26.37
C MET A 204 -6.29 -2.19 27.63
N ASN A 205 -5.21 -2.92 27.90
CA ASN A 205 -4.35 -2.64 29.04
C ASN A 205 -2.98 -2.13 28.60
N ALA A 206 -2.47 -1.14 29.33
CA ALA A 206 -1.17 -0.54 29.01
C ALA A 206 0.00 -1.51 29.17
N ASP A 207 -0.18 -2.54 29.98
CA ASP A 207 0.88 -3.50 30.26
C ASP A 207 1.07 -4.55 29.16
N THR A 208 0.03 -4.77 28.36
CA THR A 208 0.04 -5.80 27.31
C THR A 208 1.25 -5.67 26.37
N ASP A 209 2.10 -6.70 26.36
CA ASP A 209 3.22 -6.77 25.42
C ASP A 209 3.07 -7.96 24.46
N TYR A 210 4.18 -8.37 23.83
CA TYR A 210 4.13 -9.42 22.81
C TYR A 210 3.64 -10.77 23.35
N SER A 211 4.22 -11.21 24.46
CA SER A 211 3.91 -12.52 25.03
C SER A 211 2.56 -12.57 25.72
N ILE A 212 2.11 -11.42 26.24
CA ILE A 212 0.79 -11.33 26.89
C ILE A 212 -0.31 -11.39 25.85
N ALA A 213 -0.09 -10.71 24.72
CA ALA A 213 -1.02 -10.72 23.60
C ALA A 213 -1.08 -12.09 22.92
N GLU A 214 0.09 -12.68 22.69
CA GLU A 214 0.21 -13.97 21.99
C GLU A 214 -0.42 -15.10 22.78
N ALA A 215 -0.19 -15.12 24.09
CA ALA A 215 -0.78 -16.14 24.95
C ALA A 215 -2.30 -15.99 25.06
N ALA A 216 -2.76 -14.75 25.16
CA ALA A 216 -4.21 -14.46 25.27
C ALA A 216 -5.00 -14.87 24.02
N PHE A 217 -4.39 -14.72 22.85
CA PHE A 217 -5.08 -15.15 21.62
C PHE A 217 -4.99 -16.66 21.41
N ASN A 218 -3.80 -17.22 21.63
CA ASN A 218 -3.57 -18.65 21.44
C ASN A 218 -4.32 -19.51 22.48
N LYS A 219 -4.69 -18.91 23.61
CA LYS A 219 -5.53 -19.56 24.62
C LYS A 219 -7.02 -19.31 24.39
N GLY A 220 -7.35 -18.53 23.35
CA GLY A 220 -8.74 -18.27 23.00
C GLY A 220 -9.44 -17.26 23.90
N GLU A 221 -8.65 -16.45 24.62
CA GLU A 221 -9.17 -15.49 25.60
C GLU A 221 -9.55 -14.15 24.94
N THR A 222 -8.96 -13.86 23.79
CA THR A 222 -9.31 -12.67 23.02
C THR A 222 -9.69 -13.02 21.58
N ALA A 223 -10.69 -12.31 21.05
CA ALA A 223 -11.21 -12.58 19.72
C ALA A 223 -10.24 -12.18 18.60
N MET A 224 -9.42 -11.17 18.84
CA MET A 224 -8.49 -10.67 17.83
C MET A 224 -7.11 -10.34 18.37
N THR A 225 -6.11 -10.49 17.50
CA THR A 225 -4.77 -9.97 17.76
C THR A 225 -4.23 -9.30 16.49
N ILE A 226 -3.06 -8.67 16.61
CA ILE A 226 -2.38 -8.08 15.46
C ILE A 226 -0.95 -8.62 15.42
N ASN A 227 -0.61 -9.32 14.34
CA ASN A 227 0.70 -9.94 14.23
C ASN A 227 1.13 -10.25 12.79
N GLY A 228 2.37 -10.69 12.64
CA GLY A 228 2.92 -11.10 11.36
C GLY A 228 3.03 -12.61 11.25
N PRO A 229 3.55 -13.10 10.11
CA PRO A 229 3.67 -14.54 9.83
C PRO A 229 4.54 -15.31 10.85
N TRP A 230 5.48 -14.61 11.47
CA TRP A 230 6.36 -15.19 12.49
C TRP A 230 5.61 -15.76 13.70
N ALA A 231 4.33 -15.43 13.81
CA ALA A 231 3.49 -15.89 14.91
C ALA A 231 2.50 -16.99 14.49
N TRP A 232 2.40 -17.21 13.18
CA TRP A 232 1.43 -18.15 12.60
C TRP A 232 1.57 -19.60 13.12
N SER A 233 2.81 -20.05 13.31
CA SER A 233 3.08 -21.42 13.74
C SER A 233 2.58 -21.72 15.15
N ASN A 234 2.77 -20.75 16.06
CA ASN A 234 2.26 -20.86 17.43
C ASN A 234 0.74 -20.92 17.49
N ILE A 235 0.07 -20.28 16.53
CA ILE A 235 -1.39 -20.33 16.44
C ILE A 235 -1.83 -21.66 15.83
N ASP A 236 -1.06 -22.16 14.87
CA ASP A 236 -1.30 -23.47 14.27
C ASP A 236 -1.20 -24.55 15.34
N THR A 237 -0.12 -24.48 16.13
CA THR A 237 0.09 -25.35 17.28
C THR A 237 -1.07 -25.27 18.27
N SER A 238 -1.57 -24.05 18.51
CA SER A 238 -2.65 -23.82 19.47
C SER A 238 -4.00 -24.38 19.02
N LYS A 239 -4.11 -24.63 17.72
CA LYS A 239 -5.31 -25.22 17.09
C LYS A 239 -6.56 -24.33 17.12
N VAL A 240 -6.34 -23.03 17.36
CA VAL A 240 -7.41 -22.02 17.28
C VAL A 240 -7.85 -21.90 15.83
N ASN A 241 -9.15 -21.94 15.59
CA ASN A 241 -9.68 -21.73 14.25
C ASN A 241 -9.60 -20.25 13.89
N TYR A 242 -8.53 -19.90 13.15
CA TYR A 242 -8.20 -18.50 12.91
C TYR A 242 -8.16 -18.12 11.43
N GLY A 243 -8.49 -16.86 11.18
CA GLY A 243 -8.36 -16.25 9.86
C GLY A 243 -7.44 -15.04 9.92
N VAL A 244 -6.82 -14.73 8.79
CA VAL A 244 -5.92 -13.58 8.67
C VAL A 244 -6.52 -12.68 7.60
N THR A 245 -6.71 -11.40 7.95
CA THR A 245 -7.42 -10.46 7.09
C THR A 245 -6.81 -9.06 7.08
N VAL A 246 -7.41 -8.18 6.28
CA VAL A 246 -7.00 -6.77 6.21
C VAL A 246 -7.27 -6.07 7.54
N LEU A 247 -6.28 -5.32 8.02
CA LEU A 247 -6.39 -4.54 9.24
C LEU A 247 -7.60 -3.59 9.17
N PRO A 248 -8.23 -3.29 10.33
CA PRO A 248 -9.38 -2.40 10.31
C PRO A 248 -9.01 -1.00 9.84
N THR A 249 -10.00 -0.27 9.34
CA THR A 249 -9.80 1.11 8.92
C THR A 249 -9.90 2.04 10.11
N PHE A 250 -9.29 3.22 9.99
CA PHE A 250 -9.45 4.27 10.98
C PHE A 250 -9.76 5.57 10.25
N LYS A 251 -10.85 6.22 10.65
CA LYS A 251 -11.40 7.38 9.94
C LYS A 251 -11.52 7.13 8.43
N GLY A 252 -12.03 5.95 8.08
CA GLY A 252 -12.30 5.57 6.69
C GLY A 252 -11.08 5.25 5.85
N GLN A 253 -9.90 5.30 6.49
CA GLN A 253 -8.63 5.05 5.83
C GLN A 253 -7.99 3.79 6.38
N PRO A 254 -7.27 3.03 5.52
CA PRO A 254 -6.69 1.77 5.97
C PRO A 254 -5.62 1.97 7.05
N SER A 255 -5.42 0.96 7.89
CA SER A 255 -4.29 0.97 8.81
C SER A 255 -3.04 0.92 7.98
N LYS A 256 -1.99 1.61 8.45
CA LYS A 256 -0.77 1.80 7.68
C LYS A 256 0.46 1.10 8.31
N PRO A 257 0.53 -0.25 8.20
CA PRO A 257 1.63 -0.95 8.86
C PRO A 257 2.97 -0.75 8.17
N PHE A 258 4.06 -0.93 8.91
CA PHE A 258 5.39 -0.92 8.31
C PHE A 258 5.58 -2.19 7.48
N VAL A 259 6.24 -2.03 6.33
CA VAL A 259 6.51 -3.14 5.44
C VAL A 259 7.99 -3.49 5.55
N GLY A 260 8.24 -4.72 5.99
CA GLY A 260 9.59 -5.27 6.00
C GLY A 260 9.77 -6.15 4.77
N VAL A 261 10.92 -6.00 4.11
CA VAL A 261 11.26 -6.86 2.99
C VAL A 261 12.51 -7.64 3.34
N LEU A 262 12.31 -8.88 3.77
CA LEU A 262 13.41 -9.78 4.07
C LEU A 262 14.25 -9.94 2.80
N SER A 263 15.50 -9.49 2.89
CA SER A 263 16.35 -9.36 1.71
C SER A 263 17.67 -10.08 1.89
N ALA A 264 18.20 -10.59 0.78
CA ALA A 264 19.50 -11.27 0.77
C ALA A 264 20.54 -10.38 0.12
N GLY A 265 21.39 -9.79 0.96
CA GLY A 265 22.46 -8.89 0.49
C GLY A 265 23.79 -9.58 0.36
N ILE A 266 24.53 -9.25 -0.70
CA ILE A 266 25.84 -9.82 -0.94
C ILE A 266 26.93 -8.88 -0.42
N ASN A 267 27.82 -9.41 0.42
CA ASN A 267 28.93 -8.66 1.00
C ASN A 267 29.85 -8.08 -0.08
N ALA A 268 30.21 -6.80 0.10
CA ALA A 268 31.10 -6.11 -0.84
C ALA A 268 32.53 -6.68 -0.81
N ALA A 269 32.90 -7.27 0.32
CA ALA A 269 34.21 -7.89 0.50
C ALA A 269 34.26 -9.34 0.00
N SER A 270 33.11 -9.90 -0.34
CA SER A 270 33.01 -11.28 -0.79
C SER A 270 33.68 -11.51 -2.16
N PRO A 271 34.43 -12.62 -2.28
CA PRO A 271 35.04 -12.98 -3.55
C PRO A 271 34.15 -13.91 -4.38
N ASN A 272 32.95 -14.19 -3.88
CA ASN A 272 32.05 -15.16 -4.49
C ASN A 272 30.72 -14.55 -4.92
N LYS A 273 30.77 -13.28 -5.33
CA LYS A 273 29.59 -12.50 -5.70
C LYS A 273 28.75 -13.15 -6.81
N GLU A 274 29.44 -13.67 -7.83
CA GLU A 274 28.78 -14.39 -8.93
C GLU A 274 28.25 -15.76 -8.49
N LEU A 275 28.94 -16.39 -7.55
CA LEU A 275 28.55 -17.70 -7.02
C LEU A 275 27.31 -17.58 -6.14
N ALA A 276 27.17 -16.44 -5.47
CA ALA A 276 26.03 -16.17 -4.60
C ALA A 276 24.80 -15.78 -5.42
N LYS A 277 25.02 -15.03 -6.50
CA LYS A 277 23.93 -14.56 -7.36
C LYS A 277 23.30 -15.70 -8.16
N GLU A 278 24.05 -16.78 -8.34
CA GLU A 278 23.54 -17.99 -8.98
C GLU A 278 22.63 -18.75 -8.02
N PHE A 279 23.08 -18.88 -6.77
CA PHE A 279 22.32 -19.57 -5.74
C PHE A 279 21.01 -18.85 -5.43
N LEU A 280 21.06 -17.53 -5.40
CA LEU A 280 19.89 -16.72 -5.08
C LEU A 280 18.87 -16.66 -6.21
N GLU A 281 19.36 -16.49 -7.44
CA GLU A 281 18.48 -16.35 -8.61
C GLU A 281 17.91 -17.67 -9.12
N ASN A 282 18.77 -18.67 -9.25
CA ASN A 282 18.39 -19.93 -9.89
C ASN A 282 17.97 -21.05 -8.95
N TYR A 283 18.22 -20.87 -7.65
CA TYR A 283 17.92 -21.91 -6.66
C TYR A 283 16.93 -21.47 -5.60
N LEU A 284 17.24 -20.36 -4.91
CA LEU A 284 16.37 -19.88 -3.85
C LEU A 284 15.10 -19.22 -4.38
N LEU A 285 15.25 -18.21 -5.21
CA LEU A 285 14.10 -17.49 -5.77
C LEU A 285 13.39 -18.29 -6.88
N THR A 286 13.06 -19.53 -6.54
CA THR A 286 12.23 -20.40 -7.37
C THR A 286 11.08 -20.91 -6.51
N ASP A 287 10.09 -21.54 -7.14
CA ASP A 287 8.99 -22.18 -6.43
C ASP A 287 9.50 -23.23 -5.43
N GLU A 288 10.52 -23.99 -5.84
CA GLU A 288 11.07 -25.07 -5.03
C GLU A 288 11.91 -24.57 -3.85
N GLY A 289 12.69 -23.51 -4.07
CA GLY A 289 13.53 -22.93 -3.03
C GLY A 289 12.72 -22.34 -1.90
N LEU A 290 11.76 -21.49 -2.25
CA LEU A 290 10.88 -20.85 -1.28
C LEU A 290 9.99 -21.85 -0.55
N GLU A 291 9.63 -22.93 -1.24
CA GLU A 291 8.85 -24.03 -0.65
C GLU A 291 9.54 -24.62 0.58
N ALA A 292 10.82 -24.92 0.45
CA ALA A 292 11.60 -25.54 1.52
C ALA A 292 11.75 -24.61 2.73
N VAL A 293 11.90 -23.32 2.47
CA VAL A 293 12.03 -22.32 3.53
C VAL A 293 10.68 -22.07 4.22
N ASN A 294 9.62 -21.92 3.42
CA ASN A 294 8.26 -21.70 3.92
C ASN A 294 7.72 -22.87 4.74
N LYS A 295 8.19 -24.09 4.43
CA LYS A 295 7.84 -25.28 5.20
C LYS A 295 8.48 -25.28 6.59
N ASP A 296 9.76 -24.91 6.64
CA ASP A 296 10.50 -24.85 7.90
C ASP A 296 9.95 -23.76 8.81
N LYS A 297 9.90 -22.54 8.29
CA LYS A 297 9.24 -21.42 8.96
C LYS A 297 8.49 -20.61 7.92
N PRO A 298 7.15 -20.46 8.09
CA PRO A 298 6.34 -19.71 7.13
C PRO A 298 6.88 -18.31 6.91
N LEU A 299 7.09 -17.95 5.64
CA LEU A 299 7.65 -16.66 5.26
C LEU A 299 6.60 -15.57 5.18
N GLY A 300 5.34 -15.99 5.12
CA GLY A 300 4.21 -15.07 4.95
C GLY A 300 3.90 -14.92 3.48
N ALA A 301 4.18 -13.73 2.95
CA ALA A 301 4.09 -13.47 1.52
C ALA A 301 5.50 -13.38 0.95
N VAL A 302 5.65 -13.71 -0.33
CA VAL A 302 6.97 -13.76 -0.97
C VAL A 302 7.15 -12.72 -2.08
N ALA A 303 8.40 -12.49 -2.46
CA ALA A 303 8.74 -11.56 -3.54
C ALA A 303 8.49 -12.16 -4.93
N LEU A 304 8.61 -13.48 -5.04
CA LEU A 304 8.40 -14.17 -6.32
C LEU A 304 6.91 -14.30 -6.65
N LYS A 305 6.49 -13.67 -7.74
CA LYS A 305 5.10 -13.64 -8.18
C LYS A 305 4.44 -15.02 -8.29
N SER A 306 5.12 -15.95 -8.96
CA SER A 306 4.58 -17.29 -9.19
C SER A 306 4.24 -18.04 -7.91
N TYR A 307 5.01 -17.80 -6.85
CA TYR A 307 4.81 -18.49 -5.58
C TYR A 307 3.87 -17.76 -4.64
N GLU A 308 3.77 -16.43 -4.79
CA GLU A 308 2.84 -15.63 -3.99
C GLU A 308 1.41 -15.98 -4.38
N GLU A 309 1.18 -16.11 -5.69
CA GLU A 309 -0.11 -16.52 -6.25
C GLU A 309 -0.57 -17.86 -5.68
N GLU A 310 0.39 -18.74 -5.40
CA GLU A 310 0.08 -20.04 -4.78
C GLU A 310 -0.26 -19.91 -3.29
N LEU A 311 0.52 -19.08 -2.59
CA LEU A 311 0.30 -18.83 -1.16
C LEU A 311 -0.99 -18.08 -0.86
N ALA A 312 -1.36 -17.16 -1.77
CA ALA A 312 -2.58 -16.37 -1.62
C ALA A 312 -3.85 -17.22 -1.57
N LYS A 313 -3.76 -18.44 -2.11
CA LYS A 313 -4.88 -19.37 -2.15
C LYS A 313 -5.25 -19.93 -0.77
N ASP A 314 -4.29 -19.93 0.14
CA ASP A 314 -4.46 -20.45 1.51
C ASP A 314 -5.69 -19.86 2.21
N PRO A 315 -6.60 -20.72 2.69
CA PRO A 315 -7.86 -20.30 3.33
C PRO A 315 -7.70 -19.42 4.57
N ARG A 316 -6.57 -19.54 5.26
CA ARG A 316 -6.29 -18.74 6.46
C ARG A 316 -6.02 -17.28 6.11
N ARG A 328 -20.83 0.83 -4.37
CA ARG A 328 -19.85 1.82 -3.96
C ARG A 328 -18.56 1.72 -4.78
N GLY A 329 -18.45 0.65 -5.56
CA GLY A 329 -17.30 0.42 -6.43
C GLY A 329 -17.32 1.31 -7.66
N SER A 330 -16.67 0.85 -8.72
CA SER A 330 -16.51 1.66 -9.92
C SER A 330 -17.31 1.14 -11.12
N ARG A 331 -18.28 1.93 -11.57
CA ARG A 331 -18.94 1.71 -12.85
C ARG A 331 -18.02 2.20 -13.96
N GLY A 332 -17.33 3.31 -13.68
CA GLY A 332 -16.36 3.90 -14.58
C GLY A 332 -14.99 3.97 -13.95
N ILE A 333 -13.95 3.97 -14.77
CA ILE A 333 -12.58 3.99 -14.28
C ILE A 333 -11.69 4.89 -15.15
N ILE A 334 -10.74 5.56 -14.50
CA ILE A 334 -9.72 6.34 -15.19
C ILE A 334 -8.36 6.05 -14.54
N ALA A 335 -7.34 5.84 -15.38
CA ALA A 335 -6.04 5.43 -14.89
C ALA A 335 -4.88 5.90 -15.76
N ALA A 336 -3.77 6.25 -15.10
CA ALA A 336 -2.52 6.54 -15.79
C ALA A 336 -1.56 5.37 -15.52
N LEU A 337 -1.13 4.70 -16.59
CA LEU A 337 -0.34 3.47 -16.46
C LEU A 337 1.11 3.57 -16.90
N GLY A 338 1.91 2.59 -16.48
CA GLY A 338 3.37 2.60 -16.63
C GLY A 338 3.96 3.57 -15.62
N PRO A 339 3.54 3.47 -14.34
CA PRO A 339 3.55 4.58 -13.37
C PRO A 339 4.81 4.75 -12.50
N ASP A 340 5.54 3.66 -12.24
CA ASP A 340 6.75 3.72 -11.41
C ASP A 340 7.77 4.68 -12.00
N GLY A 341 7.78 4.77 -13.33
CA GLY A 341 8.38 5.90 -14.05
C GLY A 341 7.23 6.69 -14.66
N LYS A 342 7.50 7.92 -15.10
CA LYS A 342 6.45 8.79 -15.67
C LYS A 342 5.41 7.99 -16.46
N PRO A 343 4.11 8.12 -16.08
CA PRO A 343 3.04 7.43 -16.83
C PRO A 343 3.06 7.86 -18.29
N SER A 344 2.73 6.93 -19.19
CA SER A 344 2.81 7.16 -20.62
C SER A 344 1.50 6.87 -21.32
N ARG A 345 0.54 6.31 -20.60
CA ARG A 345 -0.76 5.96 -21.16
C ARG A 345 -1.93 6.31 -20.27
N ILE A 346 -3.00 6.82 -20.89
CA ILE A 346 -4.26 7.06 -20.19
C ILE A 346 -5.30 6.03 -20.62
N VAL A 347 -5.94 5.41 -19.64
CA VAL A 347 -7.05 4.50 -19.91
C VAL A 347 -8.36 5.02 -19.29
N VAL A 348 -9.40 5.05 -20.12
CA VAL A 348 -10.74 5.41 -19.66
C VAL A 348 -11.71 4.28 -20.02
N ILE A 349 -12.43 3.77 -19.04
CA ILE A 349 -13.53 2.83 -19.32
C ILE A 349 -14.81 3.08 -18.51
N TYR A 350 -15.94 3.10 -19.24
CA TYR A 350 -17.25 3.26 -18.62
C TYR A 350 -18.13 2.04 -18.86
N THR A 351 -18.75 1.54 -17.80
CA THR A 351 -19.78 0.50 -17.91
C THR A 351 -21.14 1.12 -17.53
N THR A 352 -22.21 0.60 -18.13
CA THR A 352 -23.55 1.15 -17.95
C THR A 352 -24.57 0.07 -17.58
N GLY A 353 -25.85 0.46 -17.55
CA GLY A 353 -26.94 -0.48 -17.27
C GLY A 353 -27.21 -0.70 -15.80
N SER A 354 -28.37 -1.27 -15.50
CA SER A 354 -28.78 -1.58 -14.13
C SER A 354 -28.76 -3.09 -13.85
N GLN A 355 -28.25 -3.86 -14.81
CA GLN A 355 -28.26 -5.32 -14.75
C GLN A 355 -27.08 -5.91 -13.98
N ALA A 356 -25.88 -5.39 -14.27
CA ALA A 356 -24.66 -5.99 -13.75
C ALA A 356 -24.37 -5.63 -12.29
N THR A 357 -23.91 -6.62 -11.54
CA THR A 357 -23.40 -6.41 -10.19
C THR A 357 -21.99 -5.80 -10.27
N MET A 358 -21.53 -5.21 -9.17
CA MET A 358 -20.20 -4.61 -9.10
C MET A 358 -19.10 -5.66 -9.28
N ASP A 359 -19.28 -6.85 -8.70
CA ASP A 359 -18.35 -7.95 -8.90
C ASP A 359 -18.20 -8.31 -10.37
N GLU A 360 -19.32 -8.27 -11.11
CA GLU A 360 -19.30 -8.51 -12.56
C GLU A 360 -18.57 -7.39 -13.29
N ARG A 361 -18.91 -6.13 -12.95
CA ARG A 361 -18.21 -4.97 -13.50
C ARG A 361 -16.71 -5.02 -13.22
N ASN A 362 -16.35 -5.28 -11.97
CA ASN A 362 -14.95 -5.36 -11.56
C ASN A 362 -14.19 -6.48 -12.26
N ARG A 363 -14.83 -7.65 -12.35
CA ARG A 363 -14.28 -8.80 -13.07
C ARG A 363 -13.92 -8.42 -14.52
N GLN A 364 -14.84 -7.74 -15.19
CA GLN A 364 -14.64 -7.35 -16.59
C GLN A 364 -13.57 -6.29 -16.77
N ILE A 365 -13.53 -5.31 -15.87
CA ILE A 365 -12.52 -4.25 -15.90
C ILE A 365 -11.12 -4.87 -15.71
N ALA A 366 -11.01 -5.77 -14.74
CA ALA A 366 -9.78 -6.53 -14.47
C ALA A 366 -9.29 -7.30 -15.70
N GLU A 367 -10.22 -7.92 -16.43
CA GLU A 367 -9.87 -8.67 -17.65
C GLU A 367 -9.31 -7.75 -18.75
N ILE A 368 -9.92 -6.59 -18.92
CA ILE A 368 -9.39 -5.56 -19.82
C ILE A 368 -8.01 -5.09 -19.36
N GLY A 369 -7.84 -4.97 -18.04
CA GLY A 369 -6.56 -4.60 -17.44
C GLY A 369 -5.50 -5.65 -17.70
N ALA A 370 -5.84 -6.91 -17.39
CA ALA A 370 -4.97 -8.06 -17.65
C ALA A 370 -4.55 -8.15 -19.11
N SER A 371 -5.48 -7.80 -20.00
CA SER A 371 -5.21 -7.77 -21.44
C SER A 371 -4.24 -6.66 -21.83
N LEU A 372 -4.36 -5.52 -21.14
CA LEU A 372 -3.51 -4.35 -21.41
C LEU A 372 -2.05 -4.55 -21.01
N ILE A 373 -1.84 -5.09 -19.81
CA ILE A 373 -0.50 -5.37 -19.29
C ILE A 373 0.20 -6.46 -20.11
N LYS A 374 -0.55 -7.47 -20.53
CA LYS A 374 -0.05 -8.55 -21.38
C LYS A 374 0.59 -8.01 -22.66
N HIS A 375 -0.04 -7.00 -23.27
CA HIS A 375 0.42 -6.45 -24.54
C HIS A 375 1.11 -5.08 -24.42
N TRP A 376 1.60 -4.77 -23.22
CA TRP A 376 2.39 -3.55 -23.00
C TRP A 376 3.72 -3.58 -23.74
N GLY A 377 4.16 -2.40 -24.18
CA GLY A 377 5.43 -2.28 -24.91
C GLY A 377 5.36 -2.80 -26.34
N SER A 378 4.25 -3.46 -26.67
CA SER A 378 4.01 -3.95 -28.02
C SER A 378 3.56 -2.82 -28.95
N GLY A 379 3.32 -1.64 -28.38
CA GLY A 379 2.92 -0.45 -29.14
C GLY A 379 1.52 0.04 -28.82
N GLY A 380 0.84 -0.70 -27.94
CA GLY A 380 -0.53 -0.37 -27.53
C GLY A 380 -1.56 -0.70 -28.60
N GLY A 381 -2.81 -0.82 -28.18
CA GLY A 381 -3.92 -1.07 -29.10
C GLY A 381 -3.89 -2.42 -29.79
N HIS A 382 -3.53 -3.46 -29.04
CA HIS A 382 -3.52 -4.83 -29.56
C HIS A 382 -4.95 -5.31 -29.79
N PRO A 383 -5.21 -5.96 -30.95
CA PRO A 383 -6.53 -6.49 -31.32
C PRO A 383 -7.22 -7.33 -30.25
N GLU A 384 -6.45 -8.02 -29.42
CA GLU A 384 -6.98 -8.84 -28.33
C GLU A 384 -7.72 -8.02 -27.27
N THR A 385 -7.19 -6.83 -26.96
CA THR A 385 -7.76 -5.96 -25.94
C THR A 385 -9.13 -5.42 -26.38
N LEU A 386 -9.26 -5.10 -27.66
CA LEU A 386 -10.54 -4.69 -28.23
C LEU A 386 -11.57 -5.83 -28.18
N VAL A 387 -11.09 -7.07 -28.25
CA VAL A 387 -11.97 -8.24 -28.12
C VAL A 387 -12.51 -8.34 -26.70
N LYS A 388 -11.64 -8.12 -25.72
CA LYS A 388 -12.01 -8.16 -24.31
C LYS A 388 -12.98 -7.04 -23.91
N VAL A 389 -12.80 -5.86 -24.53
CA VAL A 389 -13.69 -4.71 -24.34
C VAL A 389 -15.09 -5.02 -24.92
N LYS A 390 -15.13 -5.55 -26.13
CA LYS A 390 -16.37 -6.03 -26.74
C LYS A 390 -17.01 -7.14 -25.90
N ASP A 391 -16.18 -8.02 -25.36
CA ASP A 391 -16.64 -9.07 -24.45
C ASP A 391 -17.24 -8.49 -23.16
N ALA A 392 -16.73 -7.33 -22.72
CA ALA A 392 -17.26 -6.64 -21.54
C ALA A 392 -18.67 -6.12 -21.76
N GLU A 393 -18.90 -5.42 -22.86
CA GLU A 393 -20.24 -4.98 -23.26
C GLU A 393 -21.21 -6.15 -23.30
N ASP A 394 -20.76 -7.26 -23.91
CA ASP A 394 -21.52 -8.49 -24.01
C ASP A 394 -21.97 -8.99 -22.63
N GLN A 395 -21.01 -9.28 -21.76
CA GLN A 395 -21.31 -9.93 -20.48
C GLN A 395 -22.09 -9.05 -19.50
N LEU A 396 -21.94 -7.73 -19.63
CA LEU A 396 -22.60 -6.79 -18.72
C LEU A 396 -23.96 -6.33 -19.27
N GLY A 397 -24.25 -6.69 -20.52
CA GLY A 397 -25.56 -6.44 -21.12
C GLY A 397 -25.91 -4.98 -21.38
N ALA A 398 -24.89 -4.14 -21.50
CA ALA A 398 -25.07 -2.71 -21.74
C ALA A 398 -23.80 -2.06 -22.28
N ARG A 399 -23.95 -0.88 -22.89
CA ARG A 399 -22.82 -0.14 -23.53
C ARG A 399 -21.58 -0.01 -22.66
N VAL A 400 -20.42 -0.26 -23.27
CA VAL A 400 -19.13 0.02 -22.64
C VAL A 400 -18.43 1.06 -23.50
N GLY A 401 -17.85 2.07 -22.84
CA GLY A 401 -17.01 3.05 -23.50
C GLY A 401 -15.56 2.81 -23.09
N TYR A 402 -14.64 3.03 -24.02
CA TYR A 402 -13.24 2.72 -23.80
C TYR A 402 -12.32 3.54 -24.68
N ILE A 403 -11.20 3.96 -24.11
CA ILE A 403 -10.12 4.59 -24.87
C ILE A 403 -8.78 4.30 -24.20
N GLU A 404 -7.78 3.99 -25.02
CA GLU A 404 -6.39 3.86 -24.57
C GLU A 404 -5.61 4.94 -25.29
N LEU A 405 -4.97 5.81 -24.52
CA LEU A 405 -4.33 6.99 -25.08
C LEU A 405 -2.86 7.07 -24.69
N ASP A 406 -2.02 7.44 -25.65
CA ASP A 406 -0.61 7.69 -25.35
C ASP A 406 -0.49 9.11 -24.81
N LEU A 407 -0.02 9.22 -23.57
CA LEU A 407 0.04 10.49 -22.85
C LEU A 407 0.96 11.52 -23.48
N ASN A 408 2.01 11.06 -24.15
CA ASN A 408 3.00 11.96 -24.77
C ASN A 408 2.59 12.47 -26.15
N SER A 409 2.06 11.57 -26.98
CA SER A 409 1.70 11.91 -28.36
C SER A 409 0.29 12.47 -28.49
N GLY A 410 -0.62 12.00 -27.63
CA GLY A 410 -2.03 12.34 -27.73
C GLY A 410 -2.76 11.46 -28.71
N LYS A 411 -2.05 10.46 -29.23
CA LYS A 411 -2.59 9.50 -30.19
C LYS A 411 -3.53 8.50 -29.51
N ILE A 412 -4.69 8.29 -30.12
CA ILE A 412 -5.64 7.25 -29.69
C ILE A 412 -5.10 5.89 -30.11
N LEU A 413 -4.70 5.09 -29.12
CA LEU A 413 -4.15 3.76 -29.38
C LEU A 413 -5.26 2.75 -29.67
N GLU A 414 -6.35 2.86 -28.92
CA GLU A 414 -7.60 2.14 -29.18
C GLU A 414 -8.79 2.94 -28.68
N SER A 415 -9.96 2.68 -29.26
CA SER A 415 -11.21 3.27 -28.80
C SER A 415 -12.40 2.34 -29.06
N PHE A 416 -13.45 2.54 -28.28
CA PHE A 416 -14.72 1.84 -28.45
C PHE A 416 -15.81 2.74 -27.89
N ARG A 417 -16.70 3.20 -28.77
CA ARG A 417 -17.69 4.22 -28.46
C ARG A 417 -17.01 5.51 -27.94
N PRO A 418 -15.96 6.00 -28.63
CA PRO A 418 -15.18 7.12 -28.13
C PRO A 418 -15.97 8.42 -28.03
N GLU A 419 -16.98 8.58 -28.88
CA GLU A 419 -17.72 9.83 -28.98
C GLU A 419 -19.17 9.76 -28.48
N GLU A 420 -19.52 8.67 -27.81
CA GLU A 420 -20.81 8.56 -27.14
C GLU A 420 -20.69 9.12 -25.72
N ARG A 421 -21.78 9.69 -25.21
CA ARG A 421 -21.82 10.21 -23.84
C ARG A 421 -22.06 9.12 -22.81
N PHE A 422 -21.32 9.19 -21.71
CA PHE A 422 -21.42 8.26 -20.60
C PHE A 422 -21.43 9.04 -19.30
N PRO A 423 -22.25 8.61 -18.32
CA PRO A 423 -22.20 9.23 -17.00
C PRO A 423 -20.80 9.12 -16.39
N MET A 424 -20.22 10.26 -16.04
CA MET A 424 -18.89 10.30 -15.43
C MET A 424 -18.84 9.56 -14.11
N MET A 425 -19.90 9.74 -13.31
CA MET A 425 -19.95 9.31 -11.92
C MET A 425 -18.67 9.65 -11.15
N SER A 426 -17.97 8.68 -10.58
CA SER A 426 -16.81 8.97 -9.72
C SER A 426 -15.56 9.52 -10.41
N THR A 427 -15.48 9.35 -11.73
CA THR A 427 -14.32 9.78 -12.52
C THR A 427 -14.17 11.30 -12.62
N PHE A 428 -15.26 12.03 -12.37
CA PHE A 428 -15.22 13.49 -12.36
C PHE A 428 -14.32 14.06 -11.26
N LYS A 429 -14.10 13.27 -10.20
CA LYS A 429 -13.37 13.73 -9.02
C LYS A 429 -11.91 14.09 -9.29
N VAL A 430 -11.30 13.41 -10.25
CA VAL A 430 -9.95 13.71 -10.71
C VAL A 430 -9.90 15.07 -11.43
N LEU A 431 -10.96 15.38 -12.18
CA LEU A 431 -11.07 16.68 -12.85
C LEU A 431 -11.31 17.77 -11.83
N LEU A 432 -12.13 17.47 -10.82
CA LEU A 432 -12.38 18.36 -9.69
C LEU A 432 -11.09 18.76 -8.98
N CYS A 433 -10.30 17.77 -8.55
CA CYS A 433 -9.04 18.03 -7.89
C CYS A 433 -7.96 18.61 -8.81
N GLY A 434 -8.16 18.44 -10.12
CA GLY A 434 -7.37 19.16 -11.12
C GLY A 434 -7.64 20.66 -11.08
N ALA A 435 -8.91 21.03 -10.88
CA ALA A 435 -9.30 22.43 -10.75
C ALA A 435 -8.83 23.01 -9.42
N VAL A 436 -8.90 22.19 -8.37
CA VAL A 436 -8.39 22.56 -7.04
C VAL A 436 -6.89 22.87 -7.07
N LEU A 437 -6.09 21.95 -7.62
CA LEU A 437 -4.63 22.15 -7.76
C LEU A 437 -4.29 23.35 -8.64
N SER A 438 -5.18 23.65 -9.59
CA SER A 438 -5.01 24.82 -10.46
C SER A 438 -5.13 26.14 -9.67
N ARG A 439 -6.03 26.16 -8.69
CA ARG A 439 -6.18 27.30 -7.79
C ARG A 439 -5.01 27.40 -6.80
N ILE A 440 -4.46 26.24 -6.44
CA ILE A 440 -3.27 26.18 -5.59
C ILE A 440 -2.05 26.81 -6.29
N ASP A 441 -1.78 26.36 -7.51
CA ASP A 441 -0.71 26.90 -8.36
C ASP A 441 -0.77 28.42 -8.48
N ALA A 442 -2.00 28.95 -8.56
CA ALA A 442 -2.25 30.37 -8.70
C ALA A 442 -2.18 31.15 -7.39
N GLY A 443 -2.10 30.45 -6.26
CA GLY A 443 -2.07 31.09 -4.94
C GLY A 443 -3.44 31.35 -4.33
N GLN A 444 -4.47 30.74 -4.90
CA GLN A 444 -5.84 30.95 -4.44
C GLN A 444 -6.30 29.87 -3.47
N GLU A 445 -5.45 28.88 -3.25
CA GLU A 445 -5.80 27.73 -2.41
C GLU A 445 -4.56 27.09 -1.77
N GLN A 446 -4.74 26.51 -0.59
CA GLN A 446 -3.68 25.81 0.12
C GLN A 446 -4.14 24.40 0.43
N LEU A 447 -3.32 23.40 0.09
CA LEU A 447 -3.69 21.99 0.31
C LEU A 447 -3.92 21.66 1.79
N GLY A 448 -3.26 22.40 2.68
CA GLY A 448 -3.45 22.22 4.11
C GLY A 448 -4.51 23.09 4.75
N ARG A 449 -5.25 23.87 3.96
CA ARG A 449 -6.39 24.62 4.50
C ARG A 449 -7.50 23.66 4.96
N ARG A 450 -7.87 23.79 6.24
CA ARG A 450 -8.85 22.91 6.86
C ARG A 450 -10.28 23.41 6.63
N ILE A 451 -11.18 22.46 6.31
CA ILE A 451 -12.58 22.77 6.08
C ILE A 451 -13.45 22.06 7.10
N HIS A 452 -14.26 22.85 7.80
CA HIS A 452 -15.18 22.33 8.81
C HIS A 452 -16.60 22.23 8.25
N TYR A 453 -17.34 21.22 8.72
CA TYR A 453 -18.64 20.90 8.18
C TYR A 453 -19.50 20.18 9.22
N SER A 454 -20.80 20.08 8.94
CA SER A 454 -21.72 19.49 9.90
C SER A 454 -22.32 18.18 9.38
N GLN A 455 -23.07 17.53 10.27
CA GLN A 455 -23.71 16.25 10.02
C GLN A 455 -24.58 16.27 8.76
N ASN A 456 -25.26 17.39 8.54
CA ASN A 456 -26.16 17.56 7.41
C ASN A 456 -25.48 17.56 6.04
N ASP A 457 -24.19 17.93 6.00
CA ASP A 457 -23.42 17.93 4.76
C ASP A 457 -23.15 16.51 4.26
N LEU A 458 -23.25 15.53 5.17
CA LEU A 458 -22.95 14.15 4.85
C LEU A 458 -23.99 13.53 3.93
N VAL A 459 -23.52 12.99 2.80
CA VAL A 459 -24.35 12.20 1.93
C VAL A 459 -23.87 10.75 1.95
N GLU A 460 -24.56 9.88 1.22
CA GLU A 460 -24.25 8.46 1.14
C GLU A 460 -22.83 8.24 0.63
N TYR A 461 -22.21 7.14 1.09
CA TYR A 461 -20.88 6.72 0.65
C TYR A 461 -19.80 7.77 0.97
N SER A 462 -19.64 8.06 2.26
CA SER A 462 -18.68 9.04 2.74
C SER A 462 -17.85 8.47 3.90
N PRO A 463 -17.06 7.40 3.64
CA PRO A 463 -16.36 6.70 4.72
C PRO A 463 -15.31 7.52 5.48
N VAL A 464 -14.69 8.50 4.83
CA VAL A 464 -13.68 9.32 5.51
C VAL A 464 -14.28 10.56 6.18
N THR A 465 -15.14 11.27 5.44
CA THR A 465 -15.75 12.52 5.92
C THR A 465 -16.68 12.32 7.12
N GLU A 466 -17.38 11.18 7.17
CA GLU A 466 -18.29 10.91 8.29
C GLU A 466 -17.55 10.62 9.60
N LYS A 467 -16.24 10.45 9.52
CA LYS A 467 -15.41 10.24 10.69
C LYS A 467 -14.58 11.48 11.05
N HIS A 468 -14.83 12.59 10.36
CA HIS A 468 -14.08 13.83 10.57
C HIS A 468 -14.97 15.02 10.90
N LEU A 469 -16.18 14.74 11.40
CA LEU A 469 -17.13 15.79 11.75
C LEU A 469 -16.59 16.80 12.77
N THR A 470 -15.91 16.30 13.81
CA THR A 470 -15.32 17.14 14.85
C THR A 470 -13.95 17.70 14.46
N ASP A 471 -13.22 16.97 13.62
CA ASP A 471 -11.83 17.29 13.28
C ASP A 471 -11.68 18.26 12.11
N GLY A 472 -12.62 18.17 11.16
CA GLY A 472 -12.46 18.85 9.88
C GLY A 472 -11.50 18.09 8.99
N MET A 473 -11.33 18.54 7.76
CA MET A 473 -10.43 17.91 6.81
C MET A 473 -9.73 18.95 5.97
N THR A 474 -8.43 18.75 5.73
CA THR A 474 -7.68 19.60 4.82
C THR A 474 -8.11 19.31 3.38
N VAL A 475 -7.88 20.29 2.51
CA VAL A 475 -8.17 20.17 1.08
C VAL A 475 -7.44 18.96 0.50
N ARG A 476 -6.19 18.75 0.94
CA ARG A 476 -5.40 17.59 0.53
C ARG A 476 -6.08 16.27 0.91
N GLU A 477 -6.56 16.18 2.16
CA GLU A 477 -7.26 14.98 2.63
C GLU A 477 -8.57 14.75 1.88
N LEU A 478 -9.23 15.85 1.53
CA LEU A 478 -10.50 15.79 0.81
C LEU A 478 -10.30 15.25 -0.60
N CYS A 479 -9.30 15.75 -1.30
CA CYS A 479 -8.97 15.25 -2.62
C CYS A 479 -8.61 13.76 -2.59
N SER A 480 -7.79 13.38 -1.62
CA SER A 480 -7.41 11.98 -1.44
C SER A 480 -8.62 11.09 -1.14
N ALA A 481 -9.51 11.56 -0.27
CA ALA A 481 -10.72 10.80 0.05
C ALA A 481 -11.67 10.72 -1.14
N ALA A 482 -11.82 11.84 -1.84
CA ALA A 482 -12.67 11.91 -3.03
C ALA A 482 -12.21 10.96 -4.15
N ILE A 483 -10.90 10.93 -4.40
CA ILE A 483 -10.36 10.13 -5.50
C ILE A 483 -10.12 8.67 -5.10
N THR A 484 -9.43 8.45 -3.98
CA THR A 484 -8.98 7.10 -3.61
C THR A 484 -10.02 6.29 -2.86
N MET A 485 -10.79 6.95 -2.00
CA MET A 485 -11.84 6.30 -1.21
C MET A 485 -13.22 6.56 -1.79
N SER A 486 -13.26 7.30 -2.90
CA SER A 486 -14.49 7.76 -3.55
C SER A 486 -15.52 8.39 -2.60
N ASP A 487 -15.02 9.10 -1.58
CA ASP A 487 -15.85 9.82 -0.61
C ASP A 487 -16.70 10.89 -1.31
N ASN A 488 -18.02 10.69 -1.27
CA ASN A 488 -18.97 11.60 -1.93
C ASN A 488 -19.09 12.98 -1.29
N THR A 489 -19.19 13.03 0.04
CA THR A 489 -19.26 14.32 0.75
C THR A 489 -17.99 15.13 0.51
N ALA A 490 -16.84 14.45 0.46
CA ALA A 490 -15.57 15.09 0.14
C ALA A 490 -15.63 15.83 -1.20
N ALA A 491 -16.17 15.18 -2.23
CA ALA A 491 -16.33 15.81 -3.53
C ALA A 491 -17.22 17.06 -3.49
N ASN A 492 -18.33 17.01 -2.75
CA ASN A 492 -19.20 18.17 -2.57
C ASN A 492 -18.49 19.33 -1.90
N LEU A 493 -17.75 19.04 -0.83
CA LEU A 493 -17.01 20.07 -0.10
C LEU A 493 -15.95 20.72 -1.00
N LEU A 494 -15.34 19.93 -1.88
CA LEU A 494 -14.36 20.45 -2.82
C LEU A 494 -15.04 21.29 -3.90
N LEU A 495 -16.20 20.82 -4.37
CA LEU A 495 -17.01 21.57 -5.32
C LEU A 495 -17.38 22.96 -4.80
N THR A 496 -17.75 23.04 -3.52
CA THR A 496 -18.07 24.33 -2.86
C THR A 496 -16.89 25.31 -2.91
N THR A 497 -15.67 24.81 -2.81
CA THR A 497 -14.48 25.67 -2.78
C THR A 497 -14.23 26.38 -4.12
N ILE A 498 -14.45 25.66 -5.23
CA ILE A 498 -14.24 26.20 -6.57
C ILE A 498 -15.45 26.94 -7.14
N GLY A 499 -16.60 26.78 -6.48
CA GLY A 499 -17.83 27.48 -6.89
C GLY A 499 -18.98 26.62 -7.40
N GLY A 500 -18.82 25.30 -7.35
CA GLY A 500 -19.88 24.37 -7.76
C GLY A 500 -19.73 23.82 -9.17
N PRO A 501 -20.65 22.92 -9.57
CA PRO A 501 -20.62 22.21 -10.86
C PRO A 501 -20.45 23.10 -12.09
N LYS A 502 -21.06 24.27 -12.11
CA LYS A 502 -20.92 25.21 -13.23
C LYS A 502 -19.51 25.76 -13.35
N GLU A 503 -18.82 25.90 -12.22
CA GLU A 503 -17.44 26.36 -12.23
C GLU A 503 -16.48 25.28 -12.72
N LEU A 504 -16.72 24.04 -12.31
CA LEU A 504 -15.96 22.90 -12.86
C LEU A 504 -16.19 22.79 -14.36
N THR A 505 -17.43 22.95 -14.79
CA THR A 505 -17.78 22.93 -16.22
C THR A 505 -17.11 24.11 -16.93
N ALA A 506 -17.18 25.30 -16.33
CA ALA A 506 -16.48 26.48 -16.85
C ALA A 506 -14.97 26.25 -16.97
N PHE A 507 -14.39 25.57 -15.99
CA PHE A 507 -12.94 25.28 -15.96
C PHE A 507 -12.52 24.39 -17.12
N LEU A 508 -13.35 23.38 -17.42
CA LEU A 508 -13.09 22.45 -18.51
C LEU A 508 -13.23 23.08 -19.88
N HIS A 509 -14.24 23.92 -20.06
CA HIS A 509 -14.47 24.65 -21.30
C HIS A 509 -13.33 25.64 -21.58
N ASN A 510 -12.78 26.22 -20.51
CA ASN A 510 -11.65 27.14 -20.62
C ASN A 510 -10.33 26.47 -21.02
N MET A 511 -10.22 25.16 -20.78
CA MET A 511 -9.04 24.40 -21.22
C MET A 511 -9.31 23.57 -22.48
N GLY A 512 -10.39 23.87 -23.18
CA GLY A 512 -10.68 23.25 -24.47
C GLY A 512 -11.57 22.02 -24.47
N ASP A 513 -12.15 21.67 -23.33
CA ASP A 513 -13.08 20.54 -23.26
C ASP A 513 -14.53 21.03 -23.19
N HIS A 514 -15.19 21.06 -24.34
CA HIS A 514 -16.54 21.57 -24.47
C HIS A 514 -17.58 20.45 -24.45
N VAL A 515 -17.16 19.24 -24.12
CA VAL A 515 -18.09 18.11 -24.04
C VAL A 515 -18.48 17.82 -22.58
N THR A 516 -17.47 17.59 -21.74
CA THR A 516 -17.66 17.20 -20.35
C THR A 516 -18.46 18.25 -19.57
N ARG A 517 -19.49 17.78 -18.87
CA ARG A 517 -20.36 18.66 -18.10
C ARG A 517 -20.71 18.06 -16.75
N LEU A 518 -20.55 18.86 -15.70
CA LEU A 518 -21.08 18.50 -14.39
C LEU A 518 -22.23 19.43 -14.09
N ASP A 519 -23.40 18.84 -13.83
CA ASP A 519 -24.64 19.59 -13.62
C ASP A 519 -25.11 19.47 -12.18
N ARG A 520 -24.83 18.33 -11.55
CA ARG A 520 -25.37 18.01 -10.23
C ARG A 520 -24.28 17.73 -9.19
N TRP A 521 -24.70 17.67 -7.93
CA TRP A 521 -23.83 17.36 -6.80
C TRP A 521 -23.99 15.89 -6.46
N GLU A 522 -23.20 15.41 -5.51
CA GLU A 522 -23.38 14.07 -4.96
C GLU A 522 -24.57 14.07 -4.00
N PRO A 523 -25.38 12.99 -4.01
CA PRO A 523 -25.23 11.76 -4.80
C PRO A 523 -26.02 11.75 -6.10
N GLU A 524 -26.73 12.85 -6.39
CA GLU A 524 -27.65 12.93 -7.52
C GLU A 524 -26.97 12.75 -8.88
N LEU A 525 -25.71 13.14 -8.98
CA LEU A 525 -24.96 13.02 -10.22
C LEU A 525 -24.72 11.56 -10.63
N ASN A 526 -24.98 10.63 -9.71
CA ASN A 526 -24.75 9.20 -9.93
C ASN A 526 -25.90 8.41 -10.54
N GLU A 527 -27.09 9.02 -10.62
CA GLU A 527 -28.31 8.27 -10.91
C GLU A 527 -28.34 7.62 -12.29
N ALA A 528 -27.80 8.32 -13.29
CA ALA A 528 -27.62 7.78 -14.65
C ALA A 528 -28.90 7.26 -15.28
N ILE A 529 -29.86 8.16 -15.50
CA ILE A 529 -31.05 7.86 -16.27
C ILE A 529 -30.62 7.62 -17.72
N PRO A 530 -31.17 6.56 -18.36
CA PRO A 530 -30.84 6.29 -19.77
C PRO A 530 -30.96 7.54 -20.66
N ASN A 531 -29.85 7.90 -21.30
CA ASN A 531 -29.73 9.05 -22.21
C ASN A 531 -29.83 10.46 -21.60
N ASP A 532 -29.80 10.52 -20.26
CA ASP A 532 -29.70 11.80 -19.57
C ASP A 532 -28.29 12.35 -19.80
N GLU A 533 -28.21 13.52 -20.45
CA GLU A 533 -26.93 14.14 -20.78
C GLU A 533 -26.23 14.89 -19.63
N ARG A 534 -26.92 15.01 -18.49
CA ARG A 534 -26.33 15.67 -17.33
C ARG A 534 -25.20 14.84 -16.73
N ASP A 535 -24.11 15.51 -16.35
CA ASP A 535 -22.97 14.88 -15.66
C ASP A 535 -22.30 13.83 -16.54
N THR A 536 -22.20 14.12 -17.83
CA THR A 536 -21.66 13.17 -18.81
C THR A 536 -20.36 13.65 -19.45
N THR A 537 -19.63 12.71 -20.03
CA THR A 537 -18.45 12.98 -20.82
C THR A 537 -18.38 11.98 -21.97
N MET A 538 -17.41 12.16 -22.86
CA MET A 538 -17.08 11.14 -23.84
C MET A 538 -15.75 10.50 -23.41
N PRO A 539 -15.56 9.20 -23.70
CA PRO A 539 -14.27 8.59 -23.41
C PRO A 539 -13.11 9.42 -24.00
N VAL A 540 -13.23 9.85 -25.25
CA VAL A 540 -12.20 10.66 -25.90
C VAL A 540 -12.02 12.06 -25.26
N ALA A 541 -13.12 12.64 -24.80
CA ALA A 541 -13.06 13.94 -24.12
C ALA A 541 -12.30 13.82 -22.81
N MET A 542 -12.71 12.84 -21.99
CA MET A 542 -12.08 12.56 -20.70
C MET A 542 -10.58 12.28 -20.81
N ALA A 543 -10.20 11.39 -21.73
CA ALA A 543 -8.79 11.06 -21.93
C ALA A 543 -7.94 12.26 -22.37
N THR A 544 -8.49 13.09 -23.24
CA THR A 544 -7.77 14.27 -23.75
C THR A 544 -7.59 15.31 -22.63
N THR A 545 -8.66 15.50 -21.85
CA THR A 545 -8.63 16.41 -20.72
C THR A 545 -7.64 15.95 -19.65
N LEU A 546 -7.68 14.67 -19.31
CA LEU A 546 -6.71 14.04 -18.42
C LEU A 546 -5.27 14.28 -18.91
N ARG A 547 -5.08 14.25 -20.24
CA ARG A 547 -3.75 14.45 -20.84
C ARG A 547 -3.25 15.89 -20.71
N LYS A 548 -4.15 16.86 -20.90
CA LYS A 548 -3.82 18.27 -20.76
C LYS A 548 -3.43 18.60 -19.31
N LEU A 549 -4.06 17.90 -18.36
CA LEU A 549 -3.76 18.08 -16.94
C LEU A 549 -2.44 17.43 -16.52
N LEU A 550 -2.02 16.41 -17.26
CA LEU A 550 -0.85 15.62 -16.87
C LEU A 550 0.39 15.90 -17.72
N THR A 551 0.23 16.74 -18.74
CA THR A 551 1.35 17.20 -19.56
C THR A 551 1.25 18.71 -19.74
N GLY A 552 2.23 19.29 -20.42
CA GLY A 552 2.25 20.73 -20.69
C GLY A 552 2.50 21.56 -19.44
N GLU A 553 1.92 22.75 -19.41
CA GLU A 553 2.16 23.72 -18.34
C GLU A 553 0.87 24.14 -17.65
N LEU A 554 -0.16 23.30 -17.77
CA LEU A 554 -1.47 23.57 -17.18
C LEU A 554 -1.43 23.45 -15.65
N LEU A 555 -0.69 22.48 -15.15
CA LEU A 555 -0.38 22.40 -13.72
C LEU A 555 1.14 22.49 -13.56
N THR A 556 1.58 22.89 -12.37
CA THR A 556 3.01 22.84 -12.04
C THR A 556 3.42 21.38 -11.88
N LEU A 557 4.72 21.13 -11.97
CA LEU A 557 5.29 19.80 -11.75
C LEU A 557 4.82 19.16 -10.45
N ALA A 558 4.88 19.93 -9.36
CA ALA A 558 4.47 19.46 -8.04
C ALA A 558 2.99 19.08 -7.99
N SER A 559 2.15 19.89 -8.62
CA SER A 559 0.71 19.62 -8.69
C SER A 559 0.40 18.43 -9.60
N ARG A 560 1.12 18.34 -10.72
CA ARG A 560 0.99 17.19 -11.62
C ARG A 560 1.30 15.90 -10.86
N GLN A 561 2.45 15.88 -10.20
CA GLN A 561 2.89 14.70 -9.45
C GLN A 561 1.89 14.30 -8.37
N GLN A 562 1.29 15.28 -7.72
CA GLN A 562 0.29 15.02 -6.68
C GLN A 562 -1.01 14.45 -7.26
N LEU A 563 -1.45 14.98 -8.40
CA LEU A 563 -2.62 14.43 -9.10
C LEU A 563 -2.36 12.99 -9.53
N ILE A 564 -1.16 12.75 -10.06
CA ILE A 564 -0.69 11.41 -10.41
C ILE A 564 -0.68 10.48 -9.19
N ASP A 565 -0.22 10.96 -8.05
CA ASP A 565 -0.14 10.16 -6.81
C ASP A 565 -1.50 9.79 -6.22
N TRP A 566 -2.47 10.69 -6.33
CA TRP A 566 -3.86 10.38 -5.95
C TRP A 566 -4.46 9.31 -6.87
N MET A 567 -4.27 9.47 -8.18
CA MET A 567 -4.78 8.52 -9.17
C MET A 567 -4.16 7.13 -9.02
N GLU A 568 -2.87 7.09 -8.69
CA GLU A 568 -2.13 5.85 -8.48
C GLU A 568 -2.74 5.00 -7.36
N ALA A 569 -3.03 5.64 -6.23
CA ALA A 569 -3.68 4.95 -5.11
C ALA A 569 -5.09 4.47 -5.47
N ASP A 570 -5.78 5.24 -6.30
CA ASP A 570 -7.10 4.90 -6.83
C ASP A 570 -7.04 3.65 -7.72
N LYS A 571 -6.08 3.66 -8.65
CA LYS A 571 -5.85 2.54 -9.57
C LYS A 571 -5.47 1.24 -8.84
N VAL A 572 -4.62 1.37 -7.82
CA VAL A 572 -4.22 0.24 -6.98
C VAL A 572 -5.41 -0.33 -6.18
N ALA A 573 -6.19 0.57 -5.56
CA ALA A 573 -7.36 0.16 -4.78
C ALA A 573 -8.50 -0.38 -5.66
N GLY A 574 -8.49 -0.02 -6.94
CA GLY A 574 -9.54 -0.39 -7.87
C GLY A 574 -9.37 -1.76 -8.51
N PRO A 575 -10.26 -2.11 -9.47
CA PRO A 575 -10.29 -3.42 -10.12
C PRO A 575 -9.31 -3.63 -11.27
N LEU A 576 -8.82 -2.56 -11.88
CA LEU A 576 -8.05 -2.65 -13.13
C LEU A 576 -6.83 -3.58 -13.07
N LEU A 577 -6.19 -3.64 -11.90
CA LEU A 577 -4.94 -4.37 -11.74
C LEU A 577 -5.08 -5.67 -10.95
N ARG A 578 -6.31 -6.00 -10.55
CA ARG A 578 -6.57 -7.14 -9.67
C ARG A 578 -6.20 -8.49 -10.28
N SER A 579 -6.72 -8.79 -11.47
CA SER A 579 -6.43 -10.06 -12.16
C SER A 579 -5.05 -10.07 -12.82
N ALA A 580 -4.49 -8.88 -13.05
CA ALA A 580 -3.17 -8.75 -13.68
C ALA A 580 -2.03 -9.02 -12.71
N LEU A 581 -2.04 -8.33 -11.57
CA LEU A 581 -1.04 -8.52 -10.52
C LEU A 581 -1.68 -8.60 -9.13
N PRO A 582 -2.18 -9.80 -8.77
CA PRO A 582 -2.90 -10.02 -7.51
C PRO A 582 -1.98 -9.96 -6.30
N SER A 585 -3.44 -12.07 -1.01
CA SER A 585 -2.97 -12.50 0.30
C SER A 585 -3.24 -11.41 1.35
N ALA A 586 -3.43 -11.82 2.60
CA ALA A 586 -3.71 -10.89 3.68
C ALA A 586 -2.49 -10.02 4.03
N THR A 587 -1.33 -10.66 4.08
CA THR A 587 -0.07 -9.96 4.36
C THR A 587 0.23 -8.95 3.26
N MET A 588 0.05 -9.39 2.01
CA MET A 588 0.34 -8.59 0.83
C MET A 588 -0.59 -7.38 0.71
N GLU A 589 -1.87 -7.58 0.98
CA GLU A 589 -2.86 -6.51 0.88
C GLU A 589 -2.69 -5.45 1.97
N ASN A 590 -2.31 -5.88 3.17
CA ASN A 590 -1.95 -4.96 4.24
C ASN A 590 -0.67 -4.19 3.91
N ALA A 591 0.27 -4.86 3.26
CA ALA A 591 1.53 -4.24 2.84
C ALA A 591 1.33 -3.20 1.72
N GLN A 592 0.34 -3.46 0.85
CA GLN A 592 0.05 -2.62 -0.30
C GLN A 592 -0.55 -1.27 0.10
N LYS A 593 -1.18 -1.24 1.28
CA LYS A 593 -1.77 -0.03 1.83
C LYS A 593 -0.90 0.55 2.95
N GLY A 594 0.21 -0.12 3.25
CA GLY A 594 1.09 0.26 4.34
C GLY A 594 2.22 1.18 3.94
N GLU A 595 3.22 1.27 4.81
CA GLU A 595 4.37 2.15 4.61
C GLU A 595 5.66 1.34 4.48
N ILE A 596 6.35 1.52 3.36
CA ILE A 596 7.67 0.94 3.18
C ILE A 596 8.62 1.56 4.20
N MET A 597 9.18 0.70 5.05
CA MET A 597 10.06 1.10 6.13
C MET A 597 11.32 1.79 5.59
N PRO A 598 11.54 3.06 5.99
CA PRO A 598 12.71 3.84 5.56
C PRO A 598 14.02 3.15 5.89
N ASN A 599 14.92 3.11 4.90
CA ASN A 599 16.23 2.46 5.05
C ASN A 599 17.35 3.43 5.44
N ILE A 600 17.16 4.11 6.57
CA ILE A 600 18.15 5.06 7.08
C ILE A 600 18.44 4.85 8.57
N PRO A 601 19.68 5.12 9.03
CA PRO A 601 20.04 5.02 10.45
C PRO A 601 19.29 6.02 11.35
N GLN A 602 18.72 7.06 10.73
CA GLN A 602 17.90 8.04 11.44
C GLN A 602 16.62 7.42 12.01
N MET A 603 16.29 6.23 11.50
CA MET A 603 15.16 5.44 11.98
C MET A 603 15.33 5.01 13.44
N SER A 604 16.57 4.94 13.91
CA SER A 604 16.85 4.63 15.32
C SER A 604 16.27 5.71 16.23
N ALA A 605 16.42 6.97 15.82
CA ALA A 605 15.85 8.10 16.54
C ALA A 605 14.32 8.05 16.51
N PHE A 606 13.77 7.53 15.41
CA PHE A 606 12.32 7.31 15.30
C PHE A 606 11.84 6.27 16.31
N TRP A 607 12.47 5.10 16.32
CA TRP A 607 12.08 4.02 17.23
C TRP A 607 12.16 4.42 18.71
N TYR A 608 13.24 5.11 19.10
CA TYR A 608 13.41 5.59 20.47
C TYR A 608 12.28 6.52 20.90
N ALA A 609 12.10 7.62 20.16
CA ALA A 609 11.15 8.67 20.51
C ALA A 609 9.68 8.23 20.49
N VAL A 610 9.30 7.46 19.48
CA VAL A 610 7.91 7.02 19.32
C VAL A 610 7.49 6.03 20.42
N ARG A 611 8.39 5.13 20.80
CA ARG A 611 8.14 4.19 21.89
C ARG A 611 7.89 4.93 23.20
N THR A 612 8.72 5.94 23.46
CA THR A 612 8.57 6.80 24.63
C THR A 612 7.24 7.56 24.58
N ALA A 613 6.90 8.08 23.40
CA ALA A 613 5.65 8.83 23.22
C ALA A 613 4.40 7.99 23.55
N VAL A 614 4.39 6.73 23.09
CA VAL A 614 3.23 5.85 23.27
C VAL A 614 3.07 5.38 24.71
N ILE A 615 4.17 5.01 25.37
CA ILE A 615 4.11 4.61 26.78
C ILE A 615 3.75 5.77 27.71
N ASN A 616 4.19 6.98 27.35
CA ASN A 616 3.85 8.18 28.11
C ASN A 616 2.39 8.62 27.95
N ALA A 617 1.87 8.50 26.72
CA ALA A 617 0.49 8.85 26.44
C ALA A 617 -0.47 7.77 26.98
N ALA A 618 -0.02 6.52 26.95
CA ALA A 618 -0.79 5.39 27.47
C ALA A 618 -0.94 5.49 28.99
N SER A 619 0.13 5.88 29.68
CA SER A 619 0.15 5.96 31.13
C SER A 619 -0.55 7.21 31.67
N GLY A 620 -0.65 8.24 30.85
CA GLY A 620 -1.20 9.52 31.28
C GLY A 620 -0.11 10.45 31.82
N ARG A 621 1.14 10.02 31.66
CA ARG A 621 2.31 10.82 32.04
C ARG A 621 2.31 12.13 31.24
N GLN A 622 2.01 12.01 29.95
CA GLN A 622 1.89 13.13 29.03
C GLN A 622 0.56 13.03 28.30
N THR A 623 0.05 14.17 27.83
CA THR A 623 -1.09 14.16 26.92
C THR A 623 -0.61 13.72 25.53
N VAL A 624 -1.54 13.31 24.67
CA VAL A 624 -1.22 12.87 23.31
C VAL A 624 -0.49 13.95 22.52
N ASP A 625 -0.96 15.19 22.61
CA ASP A 625 -0.37 16.30 21.87
C ASP A 625 1.10 16.53 22.25
N GLU A 626 1.37 16.61 23.55
CA GLU A 626 2.74 16.87 24.02
C GLU A 626 3.69 15.68 23.88
N ALA A 627 3.15 14.46 24.00
CA ALA A 627 3.94 13.25 23.81
C ALA A 627 4.50 13.12 22.39
N LEU A 628 3.68 13.46 21.40
CA LEU A 628 4.10 13.38 19.99
C LEU A 628 4.88 14.60 19.52
N LYS A 629 4.65 15.75 20.17
CA LYS A 629 5.47 16.93 19.92
C LYS A 629 6.91 16.68 20.38
N ASP A 630 7.05 16.11 21.57
CA ASP A 630 8.35 15.71 22.12
C ASP A 630 9.05 14.68 21.24
N ALA A 631 8.28 13.75 20.69
CA ALA A 631 8.82 12.73 19.78
C ALA A 631 9.35 13.37 18.50
N GLN A 632 8.56 14.29 17.94
CA GLN A 632 8.94 15.04 16.73
C GLN A 632 10.23 15.82 16.93
N THR A 633 10.33 16.52 18.06
CA THR A 633 11.52 17.28 18.42
C THR A 633 12.75 16.38 18.48
N ARG A 634 12.59 15.19 19.08
CA ARG A 634 13.67 14.22 19.20
C ARG A 634 14.23 13.72 17.87
N ILE A 635 13.35 13.50 16.88
CA ILE A 635 13.76 12.98 15.57
C ILE A 635 14.61 14.00 14.80
N THR A 636 14.06 15.21 14.66
CA THR A 636 14.66 16.24 13.81
C THR A 636 15.79 17.02 14.49
N LYS A 637 16.21 16.55 15.66
CA LYS A 637 17.28 17.19 16.41
C LYS A 637 18.63 16.87 15.80
#